data_1ICE
#
_entry.id   1ICE
#
_cell.length_a   64.400
_cell.length_b   64.400
_cell.length_c   163.300
_cell.angle_alpha   90.00
_cell.angle_beta   90.00
_cell.angle_gamma   90.00
#
_symmetry.space_group_name_H-M   'P 43 21 2'
#
loop_
_entity.id
_entity.type
_entity.pdbx_description
1 polymer 'INTERLEUKIN-1 BETA CONVERTING ENZYME'
2 polymer 'TETRAPEPTIDE ALDEHYDE'
3 polymer 'INTERLEUKIN-1 BETA CONVERTING ENZYME'
4 water water
#
loop_
_entity_poly.entity_id
_entity_poly.type
_entity_poly.pdbx_seq_one_letter_code
_entity_poly.pdbx_strand_id
1 'polypeptide(L)'
;GNVKLCSLEEAQRIWKQKSAEIYPIMDKSSRTRLALIICNEEFDSIPRRTGAEVDITGMTMLLQNLGYSVDVKKNLTASD
MTTELEAFAHRPEHKTSDSTFLVFMSHGIREGICGKKHSEQVPDILQLNAIFNMLNTKNCPSLKDKPKVIIIQACRGDSP
GVVWFKD
;
A
2 'polypeptide(L)' (ACE)YVA(ASA) T
3 'polypeptide(L)'
;AIKKAHIEKDFIAFCSSTPDNVSWRHPTMGSVFIGRLIEHMQEYACSCDVEEIFRKVRFSFEQPDGRAQMPTTERVTLTR
CFYLFPGH
;
B
#
# COMPACT_ATOMS: atom_id res chain seq x y z
N GLY A 1 11.34 -17.75 2.90
CA GLY A 1 10.54 -16.64 2.39
C GLY A 1 10.44 -16.83 0.88
N ASN A 2 9.47 -16.30 0.15
CA ASN A 2 9.46 -16.36 -1.31
C ASN A 2 9.95 -15.06 -1.96
N VAL A 3 10.51 -14.19 -1.12
CA VAL A 3 11.08 -12.92 -1.51
C VAL A 3 12.56 -13.17 -1.66
N LYS A 4 13.26 -12.62 -2.66
CA LYS A 4 14.67 -12.91 -2.84
C LYS A 4 15.50 -12.28 -1.75
N LEU A 5 16.17 -13.13 -1.00
CA LEU A 5 16.93 -12.71 0.16
C LEU A 5 18.23 -12.03 -0.16
N CYS A 6 18.35 -10.91 0.54
CA CYS A 6 19.60 -10.21 0.71
C CYS A 6 20.62 -11.04 1.47
N SER A 7 21.71 -11.45 0.85
CA SER A 7 22.79 -12.10 1.56
C SER A 7 23.42 -11.08 2.51
N LEU A 8 24.13 -11.45 3.56
CA LEU A 8 24.58 -10.44 4.51
C LEU A 8 25.51 -9.37 3.93
N GLU A 9 26.39 -9.69 2.99
CA GLU A 9 27.23 -8.68 2.40
C GLU A 9 26.43 -7.60 1.68
N GLU A 10 25.41 -8.00 0.92
CA GLU A 10 24.54 -7.07 0.23
C GLU A 10 23.96 -6.03 1.14
N ALA A 11 23.31 -6.45 2.20
CA ALA A 11 22.82 -5.49 3.18
C ALA A 11 23.93 -4.57 3.66
N GLN A 12 25.06 -5.17 4.02
CA GLN A 12 26.16 -4.41 4.56
C GLN A 12 26.57 -3.32 3.58
N ARG A 13 26.70 -3.66 2.30
CA ARG A 13 27.01 -2.65 1.29
C ARG A 13 26.01 -1.52 1.31
N ILE A 14 24.74 -1.80 1.56
CA ILE A 14 23.73 -0.76 1.52
C ILE A 14 23.81 0.11 2.74
N TRP A 15 23.98 -0.44 3.94
CA TRP A 15 24.20 0.45 5.07
C TRP A 15 25.52 1.17 4.90
N LYS A 16 26.64 0.50 4.63
CA LYS A 16 27.91 1.19 4.42
C LYS A 16 27.87 2.27 3.33
N GLN A 17 27.05 2.08 2.29
CA GLN A 17 26.89 3.10 1.25
C GLN A 17 26.12 4.30 1.75
N LYS A 18 24.88 4.11 2.19
CA LYS A 18 24.07 5.28 2.45
C LYS A 18 23.71 5.55 3.89
N SER A 19 24.34 4.93 4.89
CA SER A 19 23.89 4.99 6.28
C SER A 19 23.14 6.24 6.80
N ALA A 20 23.48 7.47 6.42
CA ALA A 20 22.75 8.63 6.92
C ALA A 20 21.37 8.85 6.33
N GLU A 21 21.08 8.25 5.17
CA GLU A 21 19.87 8.56 4.44
C GLU A 21 18.97 7.37 4.20
N ILE A 22 18.94 6.54 5.23
CA ILE A 22 18.23 5.28 5.15
C ILE A 22 17.38 5.19 6.40
N TYR A 23 16.24 4.56 6.30
CA TYR A 23 15.42 4.34 7.48
C TYR A 23 16.12 3.26 8.27
N PRO A 24 16.25 3.34 9.55
CA PRO A 24 16.80 2.27 10.35
C PRO A 24 15.84 1.15 10.55
N ILE A 25 16.42 -0.04 10.47
CA ILE A 25 15.68 -1.26 10.62
C ILE A 25 15.89 -1.75 12.03
N MET A 26 14.84 -2.05 12.77
CA MET A 26 14.97 -2.63 14.08
C MET A 26 15.41 -4.07 14.02
N ASP A 27 15.90 -4.58 15.14
CA ASP A 27 16.47 -5.91 15.22
C ASP A 27 15.42 -6.98 15.08
N LYS A 28 15.72 -8.00 14.28
CA LYS A 28 14.76 -9.03 13.95
C LYS A 28 14.29 -9.76 15.19
N SER A 29 15.07 -9.77 16.25
CA SER A 29 14.73 -10.52 17.44
C SER A 29 13.48 -10.03 18.10
N SER A 30 13.18 -8.77 17.89
CA SER A 30 12.36 -8.08 18.86
C SER A 30 11.38 -7.12 18.27
N ARG A 31 11.53 -6.77 17.00
CA ARG A 31 10.64 -5.76 16.48
C ARG A 31 9.27 -6.37 16.39
N THR A 32 8.20 -5.61 16.50
CA THR A 32 6.88 -6.19 16.36
C THR A 32 6.20 -5.54 15.18
N ARG A 33 6.39 -6.02 13.96
CA ARG A 33 5.87 -5.34 12.80
C ARG A 33 4.46 -5.58 12.42
N LEU A 34 3.66 -4.54 12.31
CA LEU A 34 2.27 -4.70 11.97
C LEU A 34 1.95 -4.23 10.56
N ALA A 35 1.02 -4.89 9.88
CA ALA A 35 0.50 -4.40 8.63
C ALA A 35 -1.00 -4.56 8.67
N LEU A 36 -1.74 -3.88 7.79
CA LEU A 36 -3.18 -3.96 7.81
C LEU A 36 -3.73 -4.06 6.40
N ILE A 37 -4.55 -5.06 6.11
CA ILE A 37 -5.20 -5.18 4.83
C ILE A 37 -6.66 -4.93 5.03
N ILE A 38 -7.28 -3.96 4.38
CA ILE A 38 -8.73 -3.91 4.35
C ILE A 38 -9.14 -4.09 2.91
N CYS A 39 -10.11 -4.97 2.72
CA CYS A 39 -10.52 -5.48 1.42
C CYS A 39 -12.01 -5.60 1.40
N ASN A 40 -12.69 -4.92 0.49
CA ASN A 40 -14.13 -5.10 0.39
C ASN A 40 -14.40 -5.93 -0.82
N GLU A 41 -14.88 -7.16 -0.73
CA GLU A 41 -15.33 -7.88 -1.92
C GLU A 41 -16.87 -7.94 -2.08
N GLU A 42 -17.65 -8.22 -1.04
CA GLU A 42 -19.10 -8.16 -1.14
C GLU A 42 -19.64 -6.80 -0.80
N PHE A 43 -20.40 -6.25 -1.71
CA PHE A 43 -20.91 -4.92 -1.52
C PHE A 43 -22.42 -4.93 -1.40
N ASP A 44 -23.13 -3.87 -0.97
CA ASP A 44 -24.56 -4.02 -0.77
C ASP A 44 -25.36 -3.82 -2.05
N SER A 45 -24.85 -3.07 -3.00
CA SER A 45 -25.67 -2.75 -4.16
C SER A 45 -24.93 -3.04 -5.45
N ILE A 46 -23.65 -2.66 -5.40
CA ILE A 46 -22.76 -2.76 -6.53
C ILE A 46 -22.07 -4.12 -6.57
N PRO A 47 -21.72 -4.65 -7.69
CA PRO A 47 -21.32 -6.04 -7.86
C PRO A 47 -20.00 -6.47 -7.26
N ARG A 48 -20.10 -7.64 -6.68
CA ARG A 48 -19.01 -8.30 -5.98
C ARG A 48 -17.71 -8.39 -6.72
N ARG A 49 -16.63 -8.01 -6.06
CA ARG A 49 -15.31 -8.06 -6.65
C ARG A 49 -14.72 -9.44 -6.64
N THR A 50 -15.24 -10.28 -7.51
CA THR A 50 -14.63 -11.58 -7.70
C THR A 50 -13.18 -11.42 -8.07
N GLY A 51 -12.37 -12.24 -7.40
CA GLY A 51 -10.94 -12.18 -7.62
C GLY A 51 -10.25 -11.63 -6.39
N ALA A 52 -10.95 -10.94 -5.51
CA ALA A 52 -10.26 -10.31 -4.40
C ALA A 52 -9.48 -11.27 -3.52
N GLU A 53 -9.96 -12.49 -3.33
CA GLU A 53 -9.31 -13.48 -2.49
C GLU A 53 -7.87 -13.67 -2.87
N VAL A 54 -7.62 -13.79 -4.16
CA VAL A 54 -6.27 -13.91 -4.63
C VAL A 54 -5.40 -12.75 -4.20
N ASP A 55 -5.95 -11.54 -4.32
CA ASP A 55 -5.25 -10.36 -3.90
C ASP A 55 -4.96 -10.46 -2.41
N ILE A 56 -5.95 -10.74 -1.55
CA ILE A 56 -5.67 -10.92 -0.12
C ILE A 56 -4.63 -11.99 0.12
N THR A 57 -4.79 -13.19 -0.46
CA THR A 57 -3.79 -14.22 -0.23
C THR A 57 -2.43 -13.76 -0.68
N GLY A 58 -2.37 -13.00 -1.79
CA GLY A 58 -1.10 -12.53 -2.32
C GLY A 58 -0.46 -11.57 -1.38
N MET A 59 -1.17 -10.49 -1.05
CA MET A 59 -0.59 -9.53 -0.15
C MET A 59 -0.37 -10.00 1.28
N THR A 60 -1.26 -10.77 1.89
CA THR A 60 -1.02 -11.28 3.25
C THR A 60 0.31 -12.01 3.31
N MET A 61 0.49 -12.93 2.37
CA MET A 61 1.67 -13.75 2.37
C MET A 61 2.91 -12.94 2.13
N LEU A 62 2.85 -11.92 1.27
CA LEU A 62 3.98 -11.05 1.00
C LEU A 62 4.32 -10.31 2.25
N LEU A 63 3.42 -9.53 2.84
CA LEU A 63 3.82 -8.70 3.96
C LEU A 63 4.42 -9.52 5.04
N GLN A 64 3.72 -10.58 5.39
CA GLN A 64 4.22 -11.58 6.31
C GLN A 64 5.63 -11.95 5.93
N ASN A 65 5.85 -12.54 4.76
CA ASN A 65 7.20 -12.69 4.21
C ASN A 65 8.16 -11.55 4.43
N LEU A 66 7.70 -10.30 4.28
CA LEU A 66 8.55 -9.16 4.49
C LEU A 66 8.77 -8.86 5.96
N GLY A 67 8.05 -9.52 6.87
CA GLY A 67 8.34 -9.40 8.29
C GLY A 67 7.18 -8.90 9.13
N TYR A 68 5.96 -8.84 8.62
CA TYR A 68 4.88 -8.15 9.29
C TYR A 68 3.90 -9.14 9.81
N SER A 69 3.20 -8.84 10.88
CA SER A 69 2.01 -9.56 11.20
C SER A 69 0.88 -8.78 10.57
N VAL A 70 -0.06 -9.49 9.98
CA VAL A 70 -1.03 -8.91 9.09
C VAL A 70 -2.43 -8.92 9.67
N ASP A 71 -3.05 -7.79 10.03
CA ASP A 71 -4.48 -7.88 10.23
C ASP A 71 -5.18 -7.85 8.90
N VAL A 72 -6.13 -8.75 8.63
CA VAL A 72 -6.97 -8.63 7.47
C VAL A 72 -8.36 -8.25 7.94
N LYS A 73 -9.00 -7.18 7.48
CA LYS A 73 -10.39 -6.91 7.82
C LYS A 73 -11.11 -6.83 6.48
N LYS A 74 -12.33 -7.35 6.34
CA LYS A 74 -12.98 -7.41 5.04
C LYS A 74 -14.35 -6.81 5.12
N ASN A 75 -14.88 -6.38 3.96
CA ASN A 75 -16.24 -5.86 3.79
C ASN A 75 -16.66 -4.89 4.86
N LEU A 76 -15.97 -3.76 4.93
CA LEU A 76 -16.26 -2.78 5.94
C LEU A 76 -16.94 -1.58 5.33
N THR A 77 -17.02 -0.51 6.06
CA THR A 77 -17.80 0.63 5.64
C THR A 77 -16.93 1.82 5.91
N ALA A 78 -16.98 2.95 5.21
CA ALA A 78 -16.06 4.03 5.49
C ALA A 78 -15.85 4.26 6.96
N SER A 79 -16.93 4.17 7.72
CA SER A 79 -16.90 4.31 9.17
C SER A 79 -16.21 3.16 9.85
N ASP A 80 -16.56 1.92 9.51
CA ASP A 80 -15.87 0.77 10.06
C ASP A 80 -14.39 0.90 9.72
N MET A 81 -14.10 1.25 8.47
CA MET A 81 -12.73 1.46 8.05
C MET A 81 -12.07 2.51 8.93
N THR A 82 -12.71 3.66 9.15
CA THR A 82 -12.13 4.66 10.02
C THR A 82 -11.79 4.18 11.43
N THR A 83 -12.78 3.55 12.04
CA THR A 83 -12.63 2.96 13.36
C THR A 83 -11.48 1.97 13.36
N GLU A 84 -11.41 1.02 12.42
CA GLU A 84 -10.26 0.14 12.34
C GLU A 84 -8.94 0.85 12.30
N LEU A 85 -8.89 1.93 11.53
CA LEU A 85 -7.69 2.74 11.42
C LEU A 85 -7.35 3.36 12.75
N GLU A 86 -8.34 3.90 13.47
CA GLU A 86 -8.03 4.50 14.76
C GLU A 86 -7.57 3.51 15.79
N ALA A 87 -8.08 2.30 15.67
CA ALA A 87 -7.58 1.23 16.51
C ALA A 87 -6.18 0.91 16.07
N PHE A 88 -5.94 0.76 14.77
CA PHE A 88 -4.60 0.50 14.27
C PHE A 88 -3.63 1.58 14.74
N ALA A 89 -4.03 2.84 14.73
CA ALA A 89 -3.21 3.91 15.28
C ALA A 89 -2.82 3.65 16.72
N HIS A 90 -3.67 2.91 17.44
CA HIS A 90 -3.43 2.71 18.86
C HIS A 90 -2.79 1.42 19.25
N ARG A 91 -2.43 0.50 18.36
CA ARG A 91 -1.76 -0.72 18.76
C ARG A 91 -0.42 -0.48 19.41
N PRO A 92 -0.18 -1.01 20.56
CA PRO A 92 1.07 -0.88 21.27
C PRO A 92 2.21 -1.38 20.43
N GLU A 93 2.02 -2.42 19.61
CA GLU A 93 3.13 -2.97 18.84
C GLU A 93 3.87 -1.96 17.97
N HIS A 94 3.17 -0.94 17.49
CA HIS A 94 3.83 0.11 16.75
C HIS A 94 5.03 0.64 17.45
N LYS A 95 4.97 0.84 18.77
CA LYS A 95 6.14 1.26 19.54
C LYS A 95 7.38 0.47 19.31
N THR A 96 7.24 -0.81 19.07
CA THR A 96 8.41 -1.57 18.74
C THR A 96 8.47 -1.96 17.28
N SER A 97 7.85 -1.19 16.38
CA SER A 97 7.95 -1.45 14.96
C SER A 97 8.81 -0.38 14.36
N ASP A 98 9.32 -0.65 13.17
CA ASP A 98 10.06 0.37 12.42
C ASP A 98 9.37 0.83 11.14
N SER A 99 8.26 0.26 10.73
CA SER A 99 7.55 0.74 9.57
C SER A 99 6.12 0.29 9.69
N THR A 100 5.23 0.60 8.75
CA THR A 100 4.02 -0.17 8.60
C THR A 100 3.58 -0.13 7.14
N PHE A 101 2.67 -1.04 6.80
CA PHE A 101 2.08 -1.18 5.49
C PHE A 101 0.60 -1.19 5.67
N LEU A 102 -0.19 -0.31 5.08
CA LEU A 102 -1.63 -0.54 5.06
C LEU A 102 -2.02 -0.83 3.62
N VAL A 103 -2.92 -1.75 3.31
CA VAL A 103 -3.34 -2.05 1.95
C VAL A 103 -4.86 -1.97 1.93
N PHE A 104 -5.41 -1.22 0.97
CA PHE A 104 -6.84 -1.09 0.82
C PHE A 104 -7.14 -1.64 -0.53
N MET A 105 -8.18 -2.45 -0.67
CA MET A 105 -8.57 -2.96 -1.97
C MET A 105 -10.04 -2.77 -1.97
N SER A 106 -10.59 -2.05 -2.94
CA SER A 106 -12.04 -1.92 -3.04
C SER A 106 -12.44 -1.28 -4.37
N HIS A 107 -13.73 -1.22 -4.70
CA HIS A 107 -14.14 -0.25 -5.70
C HIS A 107 -13.73 1.11 -5.20
N GLY A 108 -13.53 2.06 -6.07
CA GLY A 108 -13.29 3.40 -5.60
C GLY A 108 -13.85 4.34 -6.62
N ILE A 109 -14.04 5.59 -6.24
CA ILE A 109 -14.42 6.56 -7.22
C ILE A 109 -13.48 7.68 -7.03
N ARG A 110 -13.65 8.78 -7.74
CA ARG A 110 -12.71 9.87 -7.61
C ARG A 110 -12.70 10.50 -6.20
N GLU A 111 -13.74 10.50 -5.34
CA GLU A 111 -13.59 11.09 -4.00
C GLU A 111 -12.76 10.20 -3.08
N GLY A 112 -12.83 8.90 -3.29
CA GLY A 112 -12.00 8.01 -2.53
C GLY A 112 -12.50 6.61 -2.69
N ILE A 113 -12.14 5.80 -1.71
CA ILE A 113 -12.41 4.37 -1.70
C ILE A 113 -13.82 4.09 -1.24
N CYS A 114 -14.49 3.11 -1.81
CA CYS A 114 -15.85 2.75 -1.40
C CYS A 114 -16.02 1.81 -0.21
N GLY A 115 -16.79 2.15 0.83
CA GLY A 115 -17.19 1.13 1.79
C GLY A 115 -18.34 0.26 1.31
N LYS A 116 -18.68 -0.85 1.97
CA LYS A 116 -19.60 -1.85 1.42
C LYS A 116 -21.01 -1.37 1.08
N LYS A 117 -21.53 -0.49 1.90
CA LYS A 117 -22.86 0.05 1.72
C LYS A 117 -22.89 1.14 0.64
N HIS A 118 -21.83 1.38 -0.13
CA HIS A 118 -21.89 2.41 -1.13
C HIS A 118 -22.95 2.14 -2.17
N SER A 119 -23.65 3.22 -2.49
CA SER A 119 -24.60 3.20 -3.58
C SER A 119 -24.27 4.42 -4.41
N GLU A 120 -24.82 4.58 -5.60
CA GLU A 120 -24.65 5.85 -6.29
C GLU A 120 -25.25 7.02 -5.55
N GLN A 121 -26.21 6.74 -4.68
CA GLN A 121 -27.01 7.81 -4.13
C GLN A 121 -26.77 8.12 -2.67
N VAL A 122 -26.30 7.15 -1.89
CA VAL A 122 -25.67 7.47 -0.63
C VAL A 122 -24.26 6.96 -0.75
N PRO A 123 -23.31 7.77 -0.49
CA PRO A 123 -21.92 7.42 -0.65
C PRO A 123 -21.37 6.84 0.61
N ASP A 124 -20.55 5.84 0.44
CA ASP A 124 -19.79 5.34 1.53
C ASP A 124 -18.41 5.47 0.99
N ILE A 125 -17.82 6.64 1.19
CA ILE A 125 -16.52 6.98 0.66
C ILE A 125 -15.51 7.14 1.77
N LEU A 126 -14.35 6.52 1.71
CA LEU A 126 -13.27 6.92 2.60
C LEU A 126 -12.36 7.80 1.77
N GLN A 127 -12.24 9.00 2.31
CA GLN A 127 -11.48 10.08 1.70
C GLN A 127 -10.02 9.72 1.72
N LEU A 128 -9.38 9.73 0.57
CA LEU A 128 -7.94 9.63 0.48
C LEU A 128 -7.13 10.20 1.64
N ASN A 129 -7.37 11.39 2.18
CA ASN A 129 -6.51 11.76 3.28
C ASN A 129 -7.09 11.73 4.66
N ALA A 130 -8.24 11.09 4.84
CA ALA A 130 -8.65 10.62 6.14
C ALA A 130 -7.59 9.64 6.58
N ILE A 131 -7.19 8.78 5.65
CA ILE A 131 -6.16 7.79 5.92
C ILE A 131 -4.87 8.46 6.39
N PHE A 132 -4.45 9.59 5.83
CA PHE A 132 -3.18 10.22 6.20
C PHE A 132 -3.25 10.80 7.57
N ASN A 133 -4.35 11.53 7.72
CA ASN A 133 -4.74 12.25 8.93
C ASN A 133 -4.73 11.36 10.12
N MET A 134 -5.36 10.20 9.98
CA MET A 134 -5.36 9.18 11.01
C MET A 134 -4.02 8.56 11.34
N LEU A 135 -3.01 8.58 10.48
CA LEU A 135 -1.72 8.05 10.91
C LEU A 135 -0.64 9.08 11.08
N ASN A 136 -0.96 10.36 11.04
CA ASN A 136 0.06 11.35 11.23
C ASN A 136 0.62 11.42 12.64
N THR A 137 1.68 12.20 12.83
CA THR A 137 2.37 12.27 14.10
C THR A 137 1.49 12.65 15.28
N LYS A 138 0.44 13.43 15.05
CA LYS A 138 -0.53 13.76 16.05
C LYS A 138 -1.29 12.49 16.37
N ASN A 139 -1.98 11.95 15.39
CA ASN A 139 -2.84 10.83 15.64
C ASN A 139 -2.12 9.52 15.81
N CYS A 140 -0.84 9.44 15.56
CA CYS A 140 -0.19 8.16 15.71
C CYS A 140 1.23 8.41 16.11
N PRO A 141 1.49 9.05 17.18
CA PRO A 141 2.86 9.41 17.55
C PRO A 141 3.80 8.25 17.54
N SER A 142 3.27 7.08 17.82
CA SER A 142 4.03 5.85 17.74
C SER A 142 4.75 5.66 16.45
N LEU A 143 4.23 6.08 15.30
CA LEU A 143 4.95 5.83 14.07
C LEU A 143 5.69 7.05 13.58
N LYS A 144 5.84 8.08 14.42
CA LYS A 144 6.72 9.20 14.12
C LYS A 144 8.03 8.73 13.56
N ASP A 145 8.48 9.29 12.44
CA ASP A 145 9.73 8.93 11.80
C ASP A 145 9.88 7.53 11.28
N LYS A 146 8.79 6.80 11.16
CA LYS A 146 8.86 5.47 10.59
C LYS A 146 8.15 5.46 9.26
N PRO A 147 8.51 4.77 8.24
CA PRO A 147 7.77 4.71 7.00
C PRO A 147 6.40 4.09 7.13
N LYS A 148 5.43 4.81 6.59
CA LYS A 148 4.07 4.32 6.50
C LYS A 148 3.78 4.13 5.04
N VAL A 149 3.71 2.92 4.51
CA VAL A 149 3.43 2.72 3.11
C VAL A 149 1.97 2.37 2.89
N ILE A 150 1.24 3.22 2.19
CA ILE A 150 -0.17 2.99 1.92
C ILE A 150 -0.36 2.51 0.47
N ILE A 151 -1.07 1.42 0.23
CA ILE A 151 -1.19 0.86 -1.09
C ILE A 151 -2.67 0.78 -1.34
N ILE A 152 -3.10 1.24 -2.52
CA ILE A 152 -4.53 1.26 -2.81
C ILE A 152 -4.87 0.75 -4.21
N GLN A 153 -5.56 -0.38 -4.25
CA GLN A 153 -6.26 -0.89 -5.43
C GLN A 153 -7.74 -0.51 -5.40
N ALA A 154 -8.14 0.37 -6.29
CA ALA A 154 -9.52 0.82 -6.37
C ALA A 154 -9.64 1.57 -7.67
N CYS A 155 -10.80 1.65 -8.25
CA CYS A 155 -10.86 2.40 -9.52
C CYS A 155 -10.78 3.86 -9.23
N ARG A 156 -10.48 4.76 -10.16
CA ARG A 156 -10.53 6.16 -9.76
C ARG A 156 -11.51 6.93 -10.58
N GLY A 157 -12.38 6.20 -11.26
CA GLY A 157 -13.43 6.82 -12.01
C GLY A 157 -13.75 5.83 -13.08
N ASP A 158 -14.35 6.31 -14.15
CA ASP A 158 -14.83 5.45 -15.22
C ASP A 158 -13.98 5.49 -16.47
N SER A 159 -13.17 6.51 -16.65
CA SER A 159 -12.40 6.67 -17.87
C SER A 159 -11.36 5.59 -18.08
N PRO A 160 -11.20 5.13 -19.28
CA PRO A 160 -10.30 4.04 -19.62
C PRO A 160 -8.81 4.37 -19.53
N GLY A 161 -8.43 5.65 -19.44
CA GLY A 161 -7.04 6.00 -19.22
C GLY A 161 -6.22 6.24 -20.47
N VAL A 162 -6.76 5.94 -21.65
CA VAL A 162 -6.00 6.06 -22.87
C VAL A 162 -6.48 7.20 -23.72
N VAL A 163 -5.62 7.76 -24.56
CA VAL A 163 -6.02 8.69 -25.59
C VAL A 163 -5.46 8.05 -26.87
N TRP A 164 -6.04 8.27 -28.07
CA TRP A 164 -5.54 7.70 -29.32
C TRP A 164 -4.44 8.53 -29.84
N PHE A 165 -3.35 7.97 -30.35
CA PHE A 165 -2.46 8.75 -31.19
C PHE A 165 -2.11 7.96 -32.44
N LYS A 166 -1.46 8.61 -33.41
CA LYS A 166 -1.22 7.97 -34.68
C LYS A 166 0.24 7.87 -34.93
N ASP A 167 0.75 6.74 -35.41
CA ASP A 167 1.26 6.69 -36.76
C ASP A 167 1.34 5.26 -37.22
N TYR B 2 -11.48 -9.61 -18.03
CA TYR B 2 -11.06 -8.44 -17.29
C TYR B 2 -12.19 -7.52 -16.97
N VAL B 3 -12.22 -7.09 -15.73
CA VAL B 3 -13.28 -6.19 -15.30
C VAL B 3 -12.56 -5.01 -14.68
N ALA B 4 -13.20 -3.87 -14.76
CA ALA B 4 -12.63 -2.73 -14.05
C ALA B 4 -13.24 -2.58 -12.70
N ALA C 1 11.45 17.94 28.23
CA ALA C 1 11.20 19.15 27.48
C ALA C 1 10.25 18.76 26.38
N ILE C 2 9.57 19.68 25.71
CA ILE C 2 8.82 19.35 24.51
C ILE C 2 9.55 19.82 23.25
N LYS C 3 9.66 19.02 22.19
CA LYS C 3 10.20 19.50 20.94
C LYS C 3 9.10 19.58 19.91
N LYS C 4 9.26 20.27 18.80
CA LYS C 4 8.30 20.26 17.71
C LYS C 4 8.51 19.09 16.76
N ALA C 5 7.49 18.37 16.32
CA ALA C 5 7.66 17.38 15.27
C ALA C 5 6.90 17.76 13.99
N HIS C 6 7.20 17.34 12.78
CA HIS C 6 6.36 17.66 11.63
C HIS C 6 5.10 16.88 11.78
N ILE C 7 3.93 17.43 11.49
CA ILE C 7 2.75 16.63 11.62
C ILE C 7 2.66 15.52 10.59
N GLU C 8 2.93 15.70 9.32
CA GLU C 8 3.15 14.59 8.44
C GLU C 8 4.51 14.59 7.81
N LYS C 9 5.03 13.38 7.67
CA LYS C 9 6.36 13.11 7.17
C LYS C 9 6.45 11.58 7.07
N ASP C 10 7.35 11.03 6.28
CA ASP C 10 7.60 9.59 6.12
C ASP C 10 6.46 8.77 5.57
N PHE C 11 5.52 9.42 4.90
CA PHE C 11 4.42 8.73 4.21
C PHE C 11 4.75 8.43 2.74
N ILE C 12 4.11 7.42 2.14
CA ILE C 12 4.07 7.29 0.70
C ILE C 12 2.81 6.52 0.36
N ALA C 13 2.06 6.91 -0.68
CA ALA C 13 0.87 6.17 -1.08
C ALA C 13 1.04 5.73 -2.51
N PHE C 14 0.54 4.55 -2.87
CA PHE C 14 0.74 3.99 -4.18
C PHE C 14 -0.58 3.50 -4.68
N CYS C 15 -1.12 4.16 -5.69
CA CYS C 15 -2.45 3.87 -6.21
C CYS C 15 -2.39 3.16 -7.56
N SER C 16 -3.37 2.33 -7.86
CA SER C 16 -3.45 1.48 -9.05
C SER C 16 -3.61 2.15 -10.43
N SER C 17 -4.24 3.32 -10.40
CA SER C 17 -4.61 4.07 -11.58
C SER C 17 -4.18 5.50 -11.27
N THR C 18 -4.22 6.26 -12.33
CA THR C 18 -3.97 7.68 -12.26
C THR C 18 -5.38 8.25 -12.03
N PRO C 19 -5.63 9.40 -11.56
CA PRO C 19 -6.96 9.89 -11.21
C PRO C 19 -7.95 9.86 -12.34
N ASP C 20 -9.24 9.82 -12.06
CA ASP C 20 -10.29 9.61 -13.06
C ASP C 20 -10.26 8.27 -13.76
N ASN C 21 -9.24 7.42 -13.67
CA ASN C 21 -9.27 6.24 -14.51
C ASN C 21 -9.50 4.92 -13.78
N VAL C 22 -10.04 3.95 -14.48
CA VAL C 22 -10.24 2.63 -13.95
C VAL C 22 -8.95 1.91 -13.72
N SER C 23 -9.05 0.79 -12.99
CA SER C 23 -7.97 -0.16 -12.87
C SER C 23 -8.53 -1.53 -13.05
N TRP C 24 -7.73 -2.51 -13.38
CA TRP C 24 -8.19 -3.77 -13.90
C TRP C 24 -8.01 -4.93 -12.97
N ARG C 25 -9.10 -5.71 -12.91
CA ARG C 25 -9.20 -6.86 -12.03
C ARG C 25 -9.68 -8.08 -12.77
N HIS C 26 -9.21 -9.27 -12.44
CA HIS C 26 -9.63 -10.46 -13.14
C HIS C 26 -10.15 -11.54 -12.20
N PRO C 27 -11.26 -12.17 -12.39
CA PRO C 27 -11.78 -13.29 -11.58
C PRO C 27 -10.73 -14.27 -11.12
N THR C 28 -10.40 -15.21 -11.98
CA THR C 28 -9.41 -16.20 -11.65
C THR C 28 -8.00 -15.67 -11.35
N MET C 29 -7.74 -14.37 -11.33
CA MET C 29 -6.37 -13.94 -11.15
C MET C 29 -6.18 -12.74 -10.28
N GLY C 30 -7.22 -12.03 -9.88
CA GLY C 30 -7.02 -10.89 -9.03
C GLY C 30 -6.69 -9.65 -9.80
N SER C 31 -6.08 -8.66 -9.18
CA SER C 31 -5.94 -7.38 -9.82
C SER C 31 -4.55 -7.22 -10.37
N VAL C 32 -4.45 -6.65 -11.59
CA VAL C 32 -3.16 -6.60 -12.27
C VAL C 32 -2.14 -5.90 -11.40
N PHE C 33 -2.52 -4.77 -10.78
CA PHE C 33 -1.58 -3.99 -10.02
C PHE C 33 -1.05 -4.82 -8.89
N ILE C 34 -1.91 -5.44 -8.08
CA ILE C 34 -1.45 -6.12 -6.87
C ILE C 34 -0.48 -7.23 -7.30
N GLY C 35 -0.84 -8.04 -8.31
CA GLY C 35 0.05 -9.09 -8.81
C GLY C 35 1.38 -8.52 -9.21
N ARG C 36 1.40 -7.54 -10.11
CA ARG C 36 2.65 -6.92 -10.51
C ARG C 36 3.46 -6.38 -9.34
N LEU C 37 2.78 -5.82 -8.33
CA LEU C 37 3.44 -5.29 -7.15
C LEU C 37 4.11 -6.37 -6.36
N ILE C 38 3.40 -7.47 -6.12
CA ILE C 38 4.03 -8.63 -5.51
C ILE C 38 5.25 -9.06 -6.34
N GLU C 39 5.12 -9.34 -7.67
CA GLU C 39 6.26 -9.82 -8.47
C GLU C 39 7.45 -8.93 -8.26
N HIS C 40 7.22 -7.63 -8.36
CA HIS C 40 8.33 -6.70 -8.20
C HIS C 40 8.89 -6.69 -6.83
N MET C 41 8.03 -6.75 -5.80
CA MET C 41 8.57 -6.79 -4.45
C MET C 41 9.38 -8.04 -4.30
N GLN C 42 8.91 -9.20 -4.75
CA GLN C 42 9.70 -10.40 -4.52
C GLN C 42 11.11 -10.34 -5.07
N GLU C 43 11.20 -9.90 -6.32
CA GLU C 43 12.45 -9.73 -7.04
C GLU C 43 13.29 -8.59 -6.47
N TYR C 44 12.69 -7.44 -6.12
CA TYR C 44 13.52 -6.28 -5.87
C TYR C 44 13.62 -5.87 -4.46
N ALA C 45 12.83 -6.42 -3.55
CA ALA C 45 12.88 -5.95 -2.19
C ALA C 45 14.28 -5.93 -1.64
N CYS C 46 15.12 -6.91 -1.98
CA CYS C 46 16.53 -6.86 -1.60
C CYS C 46 17.34 -5.65 -2.04
N SER C 47 17.54 -5.51 -3.34
CA SER C 47 18.41 -4.48 -3.84
C SER C 47 17.85 -3.09 -4.02
N CYS C 48 16.55 -2.85 -3.98
CA CYS C 48 16.08 -1.52 -4.28
C CYS C 48 15.32 -0.90 -3.16
N ASP C 49 15.42 0.37 -2.80
CA ASP C 49 14.48 0.94 -1.88
C ASP C 49 13.05 0.95 -2.37
N VAL C 50 12.07 1.18 -1.50
CA VAL C 50 10.66 1.08 -1.87
C VAL C 50 10.26 2.04 -2.98
N GLU C 51 10.72 3.30 -2.98
CA GLU C 51 10.43 4.17 -4.10
C GLU C 51 10.93 3.63 -5.44
N GLU C 52 12.17 3.17 -5.62
CA GLU C 52 12.52 2.60 -6.91
C GLU C 52 11.75 1.35 -7.23
N ILE C 53 11.40 0.47 -6.30
CA ILE C 53 10.55 -0.64 -6.69
C ILE C 53 9.24 -0.12 -7.27
N PHE C 54 8.68 0.94 -6.71
CA PHE C 54 7.40 1.41 -7.20
C PHE C 54 7.53 1.93 -8.61
N ARG C 55 8.64 2.63 -8.87
CA ARG C 55 8.86 3.12 -10.22
C ARG C 55 8.86 1.99 -11.24
N LYS C 56 9.64 0.96 -10.93
CA LYS C 56 9.70 -0.21 -11.79
C LYS C 56 8.33 -0.85 -12.02
N VAL C 57 7.38 -0.77 -11.07
CA VAL C 57 6.03 -1.24 -11.35
C VAL C 57 5.39 -0.27 -12.31
N ARG C 58 5.63 1.04 -12.22
CA ARG C 58 5.01 1.94 -13.19
C ARG C 58 5.57 1.65 -14.57
N PHE C 59 6.88 1.50 -14.71
CA PHE C 59 7.45 1.18 -15.99
C PHE C 59 6.83 -0.11 -16.52
N SER C 60 6.48 -1.13 -15.71
CA SER C 60 5.85 -2.31 -16.29
C SER C 60 4.51 -2.06 -16.90
N PHE C 61 3.99 -0.85 -16.69
CA PHE C 61 2.71 -0.49 -17.23
C PHE C 61 2.86 0.46 -18.41
N GLU C 62 4.08 0.73 -18.89
CA GLU C 62 4.22 1.76 -19.90
C GLU C 62 3.67 1.40 -21.26
N GLN C 63 3.68 0.17 -21.77
CA GLN C 63 3.01 -0.08 -23.05
C GLN C 63 1.56 -0.39 -22.73
N PRO C 64 0.51 0.20 -23.16
CA PRO C 64 -0.83 -0.22 -22.81
C PRO C 64 -1.12 -1.61 -23.27
N ASP C 65 -1.18 -2.48 -22.26
CA ASP C 65 -1.43 -3.90 -22.44
C ASP C 65 -2.87 -4.11 -22.93
N GLY C 66 -3.35 -3.36 -23.92
CA GLY C 66 -4.78 -3.37 -24.17
C GLY C 66 -5.47 -2.65 -23.03
N ARG C 67 -5.88 -3.35 -21.98
CA ARG C 67 -6.32 -2.70 -20.76
C ARG C 67 -5.25 -1.78 -20.21
N ALA C 68 -5.39 -0.46 -20.16
CA ALA C 68 -4.30 0.32 -19.61
C ALA C 68 -4.57 0.87 -18.23
N GLN C 69 -3.54 0.93 -17.40
CA GLN C 69 -3.61 1.74 -16.21
C GLN C 69 -2.19 2.14 -15.99
N MET C 70 -1.97 3.12 -15.15
CA MET C 70 -0.62 3.61 -14.83
C MET C 70 -0.70 3.91 -13.37
N PRO C 71 -0.21 3.13 -12.49
CA PRO C 71 -0.22 3.40 -11.07
C PRO C 71 0.46 4.69 -10.77
N THR C 72 0.05 5.37 -9.71
CA THR C 72 0.60 6.66 -9.41
C THR C 72 1.08 6.56 -7.99
N THR C 73 2.18 7.21 -7.69
CA THR C 73 2.72 7.33 -6.35
C THR C 73 2.34 8.69 -5.83
N GLU C 74 1.87 8.80 -4.60
CA GLU C 74 1.36 10.05 -4.12
C GLU C 74 1.80 10.37 -2.70
N ARG C 75 1.51 11.63 -2.32
CA ARG C 75 1.91 12.24 -1.08
C ARG C 75 3.20 11.74 -0.50
N VAL C 76 4.30 11.78 -1.24
CA VAL C 76 5.51 11.21 -0.69
C VAL C 76 6.05 12.20 0.29
N THR C 77 6.34 11.74 1.49
CA THR C 77 7.07 12.59 2.41
C THR C 77 8.17 11.73 2.96
N LEU C 78 8.55 10.68 2.24
CA LEU C 78 9.64 9.84 2.68
C LEU C 78 10.87 10.69 2.59
N THR C 79 11.50 10.91 3.72
CA THR C 79 12.73 11.68 3.75
C THR C 79 13.99 10.83 3.51
N ARG C 80 13.95 9.50 3.54
CA ARG C 80 15.15 8.68 3.43
C ARG C 80 14.86 7.46 2.61
N CYS C 81 15.84 6.76 2.07
CA CYS C 81 15.53 5.56 1.32
C CYS C 81 14.90 4.54 2.27
N PHE C 82 13.89 3.83 1.86
CA PHE C 82 13.38 2.78 2.72
C PHE C 82 13.79 1.50 2.05
N TYR C 83 14.84 0.88 2.55
CA TYR C 83 15.18 -0.47 2.16
C TYR C 83 14.48 -1.39 3.13
N LEU C 84 13.58 -2.20 2.63
CA LEU C 84 13.19 -3.42 3.32
C LEU C 84 14.46 -4.19 3.43
N PHE C 85 14.63 -5.20 4.27
CA PHE C 85 15.91 -5.88 4.21
C PHE C 85 15.66 -7.37 4.26
N PRO C 86 15.04 -8.00 3.34
CA PRO C 86 14.57 -9.37 3.51
C PRO C 86 15.63 -10.27 4.06
N GLY C 87 15.16 -11.14 4.95
CA GLY C 87 16.02 -12.05 5.70
C GLY C 87 16.83 -11.38 6.79
N HIS C 88 16.43 -10.18 7.14
CA HIS C 88 17.05 -9.43 8.20
C HIS C 88 15.93 -8.73 8.90
#